data_5CFM
#
_entry.id   5CFM
#
_cell.length_a   81.270
_cell.length_b   81.270
_cell.length_c   99.121
_cell.angle_alpha   90.00
_cell.angle_beta   90.00
_cell.angle_gamma   120.00
#
_symmetry.space_group_name_H-M   'P 31'
#
loop_
_entity.id
_entity.type
_entity.pdbx_description
1 polymer 'Stimulator of Interferon Genes'
2 non-polymer "2-amino-9-[(2R,3R,3aS,5R,7aR,9R,10R,10aS,12R,14aR)-9-(6-amino-9H-purin-9-yl)-3,5,10,12-tetrahydroxy-5,12-dioxidooctahydro-2H,7H-difuro[3,2-d:3',2'-j][1,3,7,9,2,8]tetraoxadiphosphacyclododecin-2-yl]-1,9-dihydro-6H-purin-6-one"
3 non-polymer 'CITRATE ANION'
4 water water
#
_entity_poly.entity_id   1
_entity_poly.type   'polypeptide(L)'
_entity_poly.pdbx_seq_one_letter_code
;GSNVADGLAWSYYFGYLKFVLPELEKQIEKTSKFRSKEKFVKKMFILIPSNCFWDDKIPGSDYDPQNRITFEGNTEPLEK
TRGGVFLRHYKHSVYEIKDGENEPWFCIMEYATPLLTLYDMSVAQPGELSREERDAQVVVFLRKLQDILEGDRACQGKYE
LVTFSPDRDLADVMLRKLKDSELEIGG
;
_entity_poly.pdbx_strand_id   A,B
#
# COMPACT_ATOMS: atom_id res chain seq x y z
N GLY A 1 19.87 5.88 0.69
CA GLY A 1 20.30 4.78 -0.16
C GLY A 1 19.41 4.61 -1.38
N SER A 2 19.73 3.64 -2.21
CA SER A 2 18.94 3.37 -3.42
C SER A 2 18.32 1.97 -3.36
N ASN A 3 18.48 1.31 -2.21
CA ASN A 3 17.95 -0.04 -2.01
C ASN A 3 16.49 -0.05 -1.58
N VAL A 4 15.65 0.32 -2.53
CA VAL A 4 14.22 0.44 -2.35
C VAL A 4 13.51 -0.89 -1.98
N ALA A 5 14.06 -2.01 -2.46
CA ALA A 5 13.37 -3.30 -2.33
C ALA A 5 13.18 -3.74 -0.88
N ASP A 6 14.11 -3.40 0.01
CA ASP A 6 13.99 -3.75 1.42
C ASP A 6 12.71 -3.19 2.05
N GLY A 7 12.49 -1.89 1.85
CA GLY A 7 11.26 -1.25 2.34
C GLY A 7 10.04 -1.82 1.66
N LEU A 8 10.14 -2.10 0.37
CA LEU A 8 9.03 -2.70 -0.37
C LEU A 8 8.66 -4.06 0.21
N ALA A 9 9.65 -4.88 0.56
CA ALA A 9 9.33 -6.22 1.07
C ALA A 9 8.70 -6.14 2.47
N TRP A 10 9.28 -5.31 3.34
CA TRP A 10 8.74 -5.19 4.68
C TRP A 10 7.30 -4.62 4.71
N SER A 11 6.97 -3.63 3.87
CA SER A 11 5.62 -3.08 3.95
C SER A 11 4.61 -4.01 3.28
N TYR A 12 5.06 -4.75 2.26
CA TYR A 12 4.23 -5.80 1.63
C TYR A 12 3.80 -6.83 2.68
N TYR A 13 4.71 -7.16 3.58
CA TYR A 13 4.42 -8.06 4.67
C TYR A 13 3.52 -7.38 5.73
N PHE A 14 3.98 -6.30 6.37
CA PHE A 14 3.19 -5.70 7.46
C PHE A 14 1.88 -5.05 6.98
N GLY A 15 1.85 -4.58 5.73
CA GLY A 15 0.63 -3.93 5.25
C GLY A 15 -0.36 -4.88 4.57
N TYR A 16 -0.03 -6.16 4.48
CA TYR A 16 -0.83 -7.09 3.67
C TYR A 16 -0.63 -8.57 4.03
N LEU A 17 0.50 -9.15 3.62
CA LEU A 17 0.67 -10.61 3.76
C LEU A 17 0.58 -11.10 5.21
N LYS A 18 1.10 -10.31 6.15
CA LYS A 18 1.11 -10.75 7.57
C LYS A 18 -0.29 -11.13 8.05
N PHE A 19 -1.31 -10.41 7.61
CA PHE A 19 -2.61 -10.78 8.10
C PHE A 19 -3.49 -11.54 7.08
N VAL A 20 -3.18 -11.52 5.79
CA VAL A 20 -4.01 -12.33 4.89
C VAL A 20 -3.55 -13.80 4.80
N LEU A 21 -2.25 -14.06 4.89
CA LEU A 21 -1.77 -15.44 4.71
C LEU A 21 -2.26 -16.41 5.81
N PRO A 22 -2.21 -16.01 7.10
CA PRO A 22 -2.69 -17.01 8.06
C PRO A 22 -4.18 -17.34 7.90
N GLU A 23 -4.96 -16.43 7.34
CA GLU A 23 -6.41 -16.60 7.27
C GLU A 23 -6.93 -17.11 5.93
N LEU A 24 -6.04 -17.18 4.95
CA LEU A 24 -6.44 -17.47 3.57
C LEU A 24 -7.24 -18.76 3.44
N GLU A 25 -6.75 -19.85 4.01
CA GLU A 25 -7.47 -21.13 3.91
C GLU A 25 -8.87 -21.05 4.50
N LYS A 26 -8.97 -20.42 5.67
CA LYS A 26 -10.25 -20.22 6.34
C LYS A 26 -11.22 -19.35 5.50
N GLN A 27 -10.70 -18.31 4.85
CA GLN A 27 -11.52 -17.44 4.02
C GLN A 27 -12.04 -18.21 2.82
N ILE A 28 -11.15 -18.97 2.20
CA ILE A 28 -11.54 -19.81 1.06
C ILE A 28 -12.67 -20.77 1.42
N GLU A 29 -12.55 -21.40 2.58
CA GLU A 29 -13.53 -22.40 3.00
C GLU A 29 -14.89 -21.84 3.36
N LYS A 30 -15.04 -20.52 3.35
CA LYS A 30 -16.35 -19.90 3.60
C LYS A 30 -17.29 -20.06 2.40
N THR A 31 -16.72 -20.43 1.26
CA THR A 31 -17.50 -20.61 0.03
C THR A 31 -17.71 -22.10 -0.25
N SER A 32 -18.98 -22.52 -0.34
CA SER A 32 -19.30 -23.95 -0.50
C SER A 32 -18.62 -24.59 -1.71
N LYS A 33 -18.67 -23.89 -2.83
CA LYS A 33 -18.00 -24.36 -4.05
C LYS A 33 -16.53 -24.67 -3.79
N PHE A 34 -15.89 -23.85 -2.96
CA PHE A 34 -14.47 -24.00 -2.69
C PHE A 34 -14.21 -25.14 -1.70
N ARG A 35 -15.14 -25.36 -0.76
CA ARG A 35 -15.08 -26.53 0.11
C ARG A 35 -15.26 -27.80 -0.69
N SER A 36 -16.13 -27.74 -1.70
CA SER A 36 -16.49 -28.92 -2.45
C SER A 36 -15.42 -29.33 -3.44
N LYS A 37 -14.64 -28.35 -3.89
CA LYS A 37 -13.65 -28.55 -4.93
C LYS A 37 -12.45 -29.33 -4.43
N GLU A 38 -12.07 -30.39 -5.15
CA GLU A 38 -10.80 -31.06 -4.90
C GLU A 38 -9.74 -30.48 -5.85
N LYS A 39 -8.47 -30.78 -5.60
CA LYS A 39 -7.38 -30.19 -6.38
C LYS A 39 -7.41 -28.66 -6.28
N PHE A 40 -7.75 -28.17 -5.11
CA PHE A 40 -7.70 -26.73 -4.85
C PHE A 40 -6.60 -26.51 -3.84
N VAL A 41 -5.40 -26.19 -4.32
CA VAL A 41 -4.30 -25.85 -3.43
C VAL A 41 -4.61 -24.49 -2.79
N LYS A 42 -4.46 -24.40 -1.47
CA LYS A 42 -4.93 -23.23 -0.71
C LYS A 42 -3.84 -22.17 -0.43
N LYS A 43 -2.62 -22.41 -0.92
CA LYS A 43 -1.53 -21.43 -0.76
C LYS A 43 -1.74 -20.23 -1.68
N MET A 44 -1.27 -19.05 -1.27
CA MET A 44 -1.21 -17.94 -2.20
C MET A 44 0.04 -18.10 -3.05
N PHE A 45 -0.15 -18.24 -4.37
CA PHE A 45 0.99 -18.19 -5.27
C PHE A 45 1.29 -16.74 -5.62
N ILE A 46 2.42 -16.25 -5.15
CA ILE A 46 2.82 -14.87 -5.36
C ILE A 46 3.73 -14.76 -6.60
N LEU A 47 3.23 -14.10 -7.63
CA LEU A 47 3.92 -14.09 -8.93
C LEU A 47 4.93 -12.97 -9.04
N ILE A 48 6.18 -13.34 -9.33
CA ILE A 48 7.28 -12.38 -9.44
C ILE A 48 7.97 -12.48 -10.81
N PRO A 49 7.37 -11.84 -11.83
CA PRO A 49 8.00 -11.77 -13.17
C PRO A 49 9.26 -10.94 -13.13
N SER A 50 10.33 -11.42 -13.76
CA SER A 50 11.63 -10.78 -13.67
C SER A 50 11.64 -9.35 -14.24
N ASN A 51 10.69 -9.02 -15.10
CA ASN A 51 10.64 -7.67 -15.69
C ASN A 51 9.72 -6.71 -14.93
N CYS A 52 9.22 -7.13 -13.77
CA CYS A 52 8.34 -6.28 -12.95
C CYS A 52 7.09 -5.82 -13.66
N PHE A 53 6.64 -6.57 -14.65
CA PHE A 53 5.53 -6.08 -15.45
C PHE A 53 4.56 -7.18 -15.80
N TRP A 54 3.29 -6.81 -15.96
CA TRP A 54 2.29 -7.78 -16.36
C TRP A 54 1.04 -7.19 -16.97
N ASP A 55 0.38 -7.99 -17.82
CA ASP A 55 -0.98 -7.69 -18.28
C ASP A 55 -1.91 -7.76 -17.09
N ASP A 56 -2.78 -6.77 -16.97
CA ASP A 56 -3.68 -6.65 -15.83
C ASP A 56 -4.51 -7.94 -15.61
N LYS A 57 -4.88 -8.62 -16.69
CA LYS A 57 -5.66 -9.85 -16.57
C LYS A 57 -4.82 -11.10 -16.93
N ILE A 58 -4.74 -12.07 -16.01
CA ILE A 58 -3.90 -13.26 -16.25
C ILE A 58 -4.46 -14.21 -17.33
N PRO A 59 -5.77 -14.55 -17.27
CA PRO A 59 -6.27 -15.47 -18.30
C PRO A 59 -6.10 -14.94 -19.74
N GLY A 60 -5.48 -15.74 -20.59
CA GLY A 60 -5.31 -15.39 -21.99
C GLY A 60 -4.20 -14.38 -22.25
N SER A 61 -3.49 -13.97 -21.19
CA SER A 61 -2.41 -12.99 -21.34
C SER A 61 -1.21 -13.59 -22.07
N ASP A 62 -0.19 -12.77 -22.29
CA ASP A 62 1.05 -13.24 -22.90
C ASP A 62 1.73 -14.32 -22.05
N TYR A 63 1.42 -14.39 -20.77
CA TYR A 63 1.99 -15.42 -19.89
C TYR A 63 1.14 -16.69 -19.96
N ASP A 64 0.01 -16.62 -20.65
CA ASP A 64 -0.89 -17.77 -20.82
C ASP A 64 -1.17 -18.02 -22.31
N PRO A 65 -0.13 -18.40 -23.07
CA PRO A 65 -0.28 -18.48 -24.53
C PRO A 65 -1.26 -19.56 -24.98
N GLN A 66 -1.43 -20.61 -24.18
CA GLN A 66 -2.34 -21.70 -24.54
C GLN A 66 -3.74 -21.51 -23.99
N ASN A 67 -3.97 -20.38 -23.32
CA ASN A 67 -5.27 -20.06 -22.73
C ASN A 67 -5.78 -21.15 -21.80
N ARG A 68 -4.94 -21.59 -20.88
CA ARG A 68 -5.30 -22.65 -19.98
C ARG A 68 -5.68 -22.14 -18.59
N ILE A 69 -5.61 -20.83 -18.40
CA ILE A 69 -5.94 -20.23 -17.12
C ILE A 69 -7.27 -19.49 -17.20
N THR A 70 -8.16 -19.75 -16.26
CA THR A 70 -9.48 -19.13 -16.29
C THR A 70 -9.81 -18.52 -14.94
N PHE A 71 -10.31 -17.29 -14.93
CA PHE A 71 -10.72 -16.67 -13.68
C PHE A 71 -11.95 -17.39 -13.17
N GLU A 72 -11.93 -17.84 -11.91
CA GLU A 72 -13.07 -18.58 -11.37
C GLU A 72 -13.96 -17.70 -10.47
N GLY A 73 -13.33 -16.89 -9.63
CA GLY A 73 -14.07 -16.03 -8.71
C GLY A 73 -13.18 -15.48 -7.64
N ASN A 74 -13.75 -14.70 -6.73
CA ASN A 74 -13.02 -14.11 -5.63
C ASN A 74 -13.33 -14.80 -4.31
N THR A 75 -12.38 -14.73 -3.39
CA THR A 75 -12.60 -15.23 -2.04
C THR A 75 -13.47 -14.24 -1.26
N GLU A 76 -14.08 -14.70 -0.16
CA GLU A 76 -14.80 -13.82 0.75
C GLU A 76 -13.86 -12.77 1.34
N PRO A 77 -14.22 -11.49 1.26
CA PRO A 77 -13.34 -10.42 1.73
C PRO A 77 -13.07 -10.49 3.23
N LEU A 78 -11.84 -10.18 3.61
CA LEU A 78 -11.43 -10.07 5.00
C LEU A 78 -11.38 -8.61 5.45
N GLU A 79 -11.81 -8.34 6.68
CA GLU A 79 -11.79 -6.99 7.22
C GLU A 79 -10.55 -6.80 8.09
N LYS A 80 -9.88 -5.68 7.90
CA LYS A 80 -8.72 -5.34 8.71
C LYS A 80 -8.60 -3.83 8.91
N THR A 81 -8.42 -3.43 10.16
CA THR A 81 -8.27 -2.02 10.52
C THR A 81 -6.88 -1.70 11.03
N ARG A 82 -6.28 -0.65 10.47
CA ARG A 82 -4.99 -0.15 10.93
C ARG A 82 -4.81 1.33 10.59
N GLY A 83 -4.71 2.17 11.62
CA GLY A 83 -4.42 3.58 11.43
C GLY A 83 -5.60 4.46 11.09
N GLY A 84 -6.69 3.86 10.60
CA GLY A 84 -7.93 4.58 10.37
C GLY A 84 -7.91 5.64 9.28
N VAL A 85 -6.77 5.79 8.61
CA VAL A 85 -6.64 6.78 7.54
C VAL A 85 -7.49 6.40 6.33
N PHE A 86 -7.42 5.13 5.96
CA PHE A 86 -8.24 4.59 4.87
C PHE A 86 -8.62 3.15 5.19
N LEU A 87 -9.83 2.75 4.80
CA LEU A 87 -10.35 1.44 5.14
C LEU A 87 -9.81 0.37 4.20
N ARG A 88 -9.65 -0.85 4.72
CA ARG A 88 -9.11 -1.93 3.92
C ARG A 88 -9.96 -3.20 3.91
N HIS A 89 -10.28 -3.65 2.71
CA HIS A 89 -10.92 -4.94 2.51
C HIS A 89 -10.00 -5.75 1.59
N TYR A 90 -9.73 -6.99 1.98
CA TYR A 90 -8.80 -7.85 1.26
C TYR A 90 -9.51 -9.04 0.64
N LYS A 91 -9.31 -9.27 -0.66
CA LYS A 91 -9.84 -10.48 -1.30
C LYS A 91 -8.86 -10.93 -2.37
N HIS A 92 -9.02 -12.18 -2.81
CA HIS A 92 -8.07 -12.80 -3.71
C HIS A 92 -8.79 -13.45 -4.87
N SER A 93 -8.09 -13.63 -5.97
CA SER A 93 -8.65 -14.24 -7.15
C SER A 93 -8.34 -15.72 -7.20
N VAL A 94 -9.37 -16.51 -7.46
CA VAL A 94 -9.21 -17.94 -7.67
C VAL A 94 -9.19 -18.22 -9.15
N TYR A 95 -8.23 -19.03 -9.59
CA TYR A 95 -8.15 -19.40 -11.01
C TYR A 95 -8.25 -20.90 -11.22
N GLU A 96 -8.77 -21.29 -12.37
CA GLU A 96 -8.77 -22.67 -12.80
C GLU A 96 -7.62 -22.90 -13.76
N ILE A 97 -6.83 -23.93 -13.52
CA ILE A 97 -5.77 -24.26 -14.45
C ILE A 97 -5.97 -25.65 -15.05
N LYS A 98 -6.16 -25.68 -16.36
CA LYS A 98 -6.41 -26.93 -17.06
C LYS A 98 -5.25 -27.92 -16.91
N ASP A 99 -5.61 -29.18 -16.74
CA ASP A 99 -4.66 -30.27 -16.59
C ASP A 99 -5.02 -31.37 -17.59
N GLY A 100 -4.94 -31.02 -18.87
CA GLY A 100 -5.29 -31.94 -19.93
C GLY A 100 -6.74 -32.38 -19.86
N GLU A 101 -6.93 -33.70 -19.89
CA GLU A 101 -8.26 -34.28 -19.81
C GLU A 101 -8.66 -34.51 -18.35
N ASN A 102 -7.69 -34.34 -17.45
CA ASN A 102 -7.96 -34.53 -16.03
C ASN A 102 -8.77 -33.40 -15.43
N GLU A 103 -9.15 -33.60 -14.17
CA GLU A 103 -9.77 -32.56 -13.38
C GLU A 103 -8.82 -31.38 -13.27
N PRO A 104 -9.29 -30.18 -13.65
CA PRO A 104 -8.48 -28.96 -13.55
C PRO A 104 -8.25 -28.53 -12.11
N TRP A 105 -7.18 -27.79 -11.87
CA TRP A 105 -6.88 -27.31 -10.53
C TRP A 105 -7.58 -25.98 -10.29
N PHE A 106 -7.86 -25.69 -9.02
CA PHE A 106 -8.12 -24.30 -8.61
C PHE A 106 -6.91 -23.84 -7.83
N CYS A 107 -6.59 -22.55 -7.90
CA CYS A 107 -5.51 -22.01 -7.11
C CYS A 107 -5.71 -20.51 -6.90
N ILE A 108 -4.93 -19.97 -5.97
CA ILE A 108 -4.85 -18.53 -5.74
C ILE A 108 -3.56 -17.99 -6.34
N MET A 109 -3.68 -17.03 -7.25
CA MET A 109 -2.53 -16.38 -7.87
C MET A 109 -2.69 -14.87 -7.77
N GLU A 110 -1.57 -14.19 -7.54
CA GLU A 110 -1.51 -12.74 -7.41
C GLU A 110 -0.14 -12.26 -7.78
N TYR A 111 -0.04 -11.26 -8.65
CA TYR A 111 1.24 -10.61 -8.85
C TYR A 111 1.66 -9.90 -7.59
N ALA A 112 2.96 -9.93 -7.30
CA ALA A 112 3.53 -9.17 -6.19
C ALA A 112 3.42 -7.70 -6.49
N THR A 113 2.43 -7.05 -5.90
CA THR A 113 2.13 -5.66 -6.23
C THR A 113 3.28 -4.63 -5.98
N PRO A 114 4.19 -4.87 -5.02
CA PRO A 114 5.29 -3.90 -4.91
C PRO A 114 6.17 -3.79 -6.16
N LEU A 115 6.16 -4.77 -7.04
CA LEU A 115 6.95 -4.72 -8.27
C LEU A 115 6.50 -3.55 -9.14
N LEU A 116 5.24 -3.15 -8.97
CA LEU A 116 4.70 -1.99 -9.69
C LEU A 116 5.51 -0.73 -9.39
N THR A 117 5.98 -0.61 -8.15
CA THR A 117 6.78 0.55 -7.79
C THR A 117 8.15 0.48 -8.45
N LEU A 118 8.75 -0.71 -8.50
CA LEU A 118 10.02 -0.87 -9.20
C LEU A 118 9.85 -0.51 -10.68
N TYR A 119 8.80 -1.02 -11.30
CA TYR A 119 8.56 -0.71 -12.70
C TYR A 119 8.33 0.78 -12.93
N ASP A 120 7.41 1.38 -12.16
CA ASP A 120 7.08 2.80 -12.31
C ASP A 120 8.29 3.68 -12.13
N MET A 121 9.10 3.32 -11.15
CA MET A 121 10.33 4.05 -10.88
C MET A 121 11.31 3.98 -12.06
N SER A 122 11.46 2.80 -12.66
CA SER A 122 12.42 2.64 -13.76
C SER A 122 11.98 3.40 -15.01
N VAL A 123 10.69 3.64 -15.13
CA VAL A 123 10.16 4.35 -16.30
C VAL A 123 10.08 5.87 -16.08
N ALA A 124 9.67 6.29 -14.89
CA ALA A 124 9.50 7.72 -14.59
C ALA A 124 10.78 8.38 -14.09
N GLN A 125 11.63 7.62 -13.41
CA GLN A 125 12.87 8.16 -12.85
C GLN A 125 14.06 7.27 -13.21
N PRO A 126 14.39 7.19 -14.50
CA PRO A 126 15.48 6.29 -14.89
C PRO A 126 16.81 6.64 -14.23
N GLY A 127 17.02 7.90 -13.88
CA GLY A 127 18.24 8.32 -13.19
C GLY A 127 18.36 7.74 -11.79
N GLU A 128 17.22 7.39 -11.19
CA GLU A 128 17.20 6.78 -9.87
C GLU A 128 17.29 5.26 -9.96
N LEU A 129 16.69 4.71 -11.01
CA LEU A 129 16.61 3.26 -11.13
C LEU A 129 16.73 2.82 -12.58
N SER A 130 17.94 2.40 -12.97
CA SER A 130 18.16 1.96 -14.34
C SER A 130 17.48 0.61 -14.55
N ARG A 131 17.36 0.18 -15.81
CA ARG A 131 16.79 -1.13 -16.10
C ARG A 131 17.57 -2.23 -15.37
N GLU A 132 18.90 -2.09 -15.38
CA GLU A 132 19.77 -3.09 -14.78
C GLU A 132 19.67 -3.07 -13.25
N GLU A 133 19.55 -1.89 -12.68
CA GLU A 133 19.34 -1.76 -11.24
C GLU A 133 17.98 -2.33 -10.81
N ARG A 134 16.98 -2.18 -11.66
CA ARG A 134 15.66 -2.75 -11.38
C ARG A 134 15.76 -4.27 -11.34
N ASP A 135 16.46 -4.84 -12.32
CA ASP A 135 16.66 -6.29 -12.38
C ASP A 135 17.23 -6.78 -11.06
N ALA A 136 18.24 -6.07 -10.56
CA ALA A 136 18.89 -6.44 -9.32
C ALA A 136 17.94 -6.27 -8.13
N GLN A 137 17.13 -5.21 -8.15
CA GLN A 137 16.23 -4.97 -7.01
C GLN A 137 15.14 -6.03 -6.90
N VAL A 138 14.73 -6.60 -8.04
CA VAL A 138 13.81 -7.75 -8.00
C VAL A 138 14.38 -8.91 -7.19
N VAL A 139 15.67 -9.16 -7.37
CA VAL A 139 16.34 -10.23 -6.64
C VAL A 139 16.45 -9.91 -5.15
N VAL A 140 16.81 -8.66 -4.84
CA VAL A 140 16.85 -8.20 -3.45
C VAL A 140 15.47 -8.35 -2.81
N PHE A 141 14.44 -7.93 -3.54
CA PHE A 141 13.07 -8.03 -3.08
C PHE A 141 12.69 -9.47 -2.76
N LEU A 142 12.99 -10.36 -3.70
CA LEU A 142 12.72 -11.77 -3.53
C LEU A 142 13.40 -12.33 -2.27
N ARG A 143 14.70 -12.07 -2.14
CA ARG A 143 15.43 -12.68 -1.03
C ARG A 143 15.00 -12.09 0.31
N LYS A 144 14.70 -10.80 0.36
CA LYS A 144 14.21 -10.19 1.61
C LYS A 144 12.81 -10.71 1.96
N LEU A 145 11.93 -10.81 0.96
CA LEU A 145 10.58 -11.31 1.24
C LEU A 145 10.66 -12.76 1.75
N GLN A 146 11.56 -13.54 1.16
CA GLN A 146 11.78 -14.91 1.61
C GLN A 146 12.16 -14.93 3.08
N ASP A 147 13.14 -14.10 3.45
CA ASP A 147 13.59 -14.06 4.84
C ASP A 147 12.46 -13.68 5.78
N ILE A 148 11.69 -12.67 5.41
CA ILE A 148 10.58 -12.20 6.24
C ILE A 148 9.53 -13.29 6.47
N LEU A 149 9.04 -13.87 5.39
CA LEU A 149 7.99 -14.89 5.49
C LEU A 149 8.48 -16.15 6.20
N GLU A 150 9.74 -16.53 5.98
CA GLU A 150 10.25 -17.73 6.62
C GLU A 150 10.46 -17.51 8.12
N GLY A 151 10.47 -16.24 8.54
CA GLY A 151 10.65 -15.93 9.96
C GLY A 151 9.33 -15.85 10.71
N ASP A 152 8.22 -15.98 9.99
CA ASP A 152 6.88 -15.93 10.58
C ASP A 152 6.23 -17.29 10.52
N ARG A 153 6.11 -17.94 11.67
CA ARG A 153 5.58 -19.30 11.76
C ARG A 153 4.14 -19.40 11.27
N ALA A 154 3.38 -18.33 11.46
CA ALA A 154 1.97 -18.28 11.02
C ALA A 154 1.85 -18.28 9.49
N CYS A 155 2.93 -17.95 8.79
CA CYS A 155 2.89 -17.92 7.33
C CYS A 155 3.40 -19.20 6.69
N GLN A 156 3.96 -20.09 7.51
CA GLN A 156 4.55 -21.33 7.01
C GLN A 156 3.55 -22.21 6.23
N GLY A 157 3.93 -22.58 5.02
CA GLY A 157 3.08 -23.42 4.20
C GLY A 157 1.88 -22.70 3.61
N LYS A 158 1.81 -21.38 3.74
CA LYS A 158 0.64 -20.62 3.27
C LYS A 158 0.87 -19.88 1.97
N TYR A 159 2.08 -19.94 1.43
CA TYR A 159 2.40 -19.16 0.23
C TYR A 159 3.42 -19.92 -0.62
N GLU A 160 3.58 -19.52 -1.86
CA GLU A 160 4.73 -19.96 -2.65
C GLU A 160 5.14 -18.81 -3.57
N LEU A 161 6.43 -18.47 -3.57
CA LEU A 161 6.93 -17.41 -4.44
C LEU A 161 7.24 -18.02 -5.80
N VAL A 162 6.75 -17.38 -6.86
CA VAL A 162 6.91 -17.92 -8.20
C VAL A 162 7.66 -16.92 -9.07
N THR A 163 8.94 -17.20 -9.33
CA THR A 163 9.72 -16.30 -10.18
C THR A 163 9.80 -16.86 -11.58
N PHE A 164 9.69 -16.01 -12.59
CA PHE A 164 9.72 -16.48 -13.97
C PHE A 164 10.08 -15.37 -14.93
N SER A 165 10.67 -15.75 -16.05
CA SER A 165 10.97 -14.84 -17.15
C SER A 165 9.69 -14.61 -17.93
N PRO A 166 9.55 -13.42 -18.54
CA PRO A 166 8.34 -13.10 -19.30
C PRO A 166 8.15 -13.99 -20.53
N ASP A 167 9.17 -14.78 -20.86
CA ASP A 167 9.07 -15.69 -21.99
C ASP A 167 8.43 -17.03 -21.62
N ARG A 168 8.32 -17.32 -20.31
CA ARG A 168 7.79 -18.60 -19.87
C ARG A 168 6.26 -18.69 -19.90
N ASP A 169 5.76 -19.92 -19.95
CA ASP A 169 4.33 -20.20 -19.94
C ASP A 169 3.88 -20.45 -18.50
N LEU A 170 3.14 -19.48 -17.97
CA LEU A 170 2.72 -19.50 -16.58
C LEU A 170 1.84 -20.72 -16.26
N ALA A 171 1.06 -21.16 -17.24
CA ALA A 171 0.22 -22.35 -17.04
C ALA A 171 1.09 -23.58 -16.78
N ASP A 172 2.18 -23.72 -17.54
CA ASP A 172 3.12 -24.81 -17.35
C ASP A 172 3.81 -24.72 -16.00
N VAL A 173 4.25 -23.51 -15.65
CA VAL A 173 4.90 -23.27 -14.37
C VAL A 173 3.98 -23.61 -13.21
N MET A 174 2.74 -23.14 -13.28
CA MET A 174 1.81 -23.34 -12.18
C MET A 174 1.42 -24.80 -12.04
N LEU A 175 1.20 -25.46 -13.17
CA LEU A 175 0.87 -26.88 -13.16
C LEU A 175 1.92 -27.72 -12.42
N ARG A 176 3.19 -27.46 -12.68
CA ARG A 176 4.27 -28.17 -12.02
C ARG A 176 4.25 -27.88 -10.52
N LYS A 177 4.01 -26.62 -10.16
CA LYS A 177 4.02 -26.25 -8.75
C LYS A 177 2.81 -26.80 -8.02
N LEU A 178 1.67 -26.88 -8.71
CA LEU A 178 0.46 -27.41 -8.09
C LEU A 178 0.64 -28.90 -7.80
N LYS A 179 1.18 -29.63 -8.78
CA LYS A 179 1.45 -31.05 -8.61
C LYS A 179 2.46 -31.30 -7.50
N ASP A 180 3.37 -30.37 -7.29
CA ASP A 180 4.41 -30.54 -6.27
C ASP A 180 3.97 -30.05 -4.89
N SER A 181 2.80 -29.41 -4.79
CA SER A 181 2.30 -28.94 -3.51
C SER A 181 1.92 -30.10 -2.61
N GLU A 182 1.89 -29.85 -1.29
CA GLU A 182 1.66 -30.90 -0.30
C GLU A 182 0.24 -31.47 -0.35
N LEU A 183 -0.71 -30.64 -0.79
CA LEU A 183 -2.11 -31.04 -0.80
C LEU A 183 -2.37 -32.37 -1.51
N GLU A 184 -3.04 -33.28 -0.80
CA GLU A 184 -3.47 -34.54 -1.38
C GLU A 184 -4.99 -34.57 -1.47
N ILE A 185 -5.52 -35.50 -2.26
CA ILE A 185 -6.97 -35.64 -2.39
C ILE A 185 -7.61 -35.87 -1.03
N GLY A 186 -8.58 -35.02 -0.70
CA GLY A 186 -9.24 -35.09 0.59
C GLY A 186 -8.56 -34.27 1.67
N GLY A 187 -7.46 -33.61 1.31
CA GLY A 187 -6.73 -32.77 2.24
C GLY A 187 -7.28 -31.36 2.37
N GLY B 1 19.99 -4.70 3.38
CA GLY B 1 20.16 -3.58 4.30
C GLY B 1 19.02 -3.47 5.30
N SER B 2 19.10 -2.47 6.18
CA SER B 2 18.07 -2.25 7.18
C SER B 2 17.39 -0.89 6.99
N ASN B 3 17.74 -0.22 5.89
CA ASN B 3 17.17 1.10 5.58
C ASN B 3 15.83 1.01 4.85
N VAL B 4 14.84 0.57 5.59
CA VAL B 4 13.50 0.34 5.08
C VAL B 4 12.82 1.61 4.59
N ALA B 5 13.17 2.76 5.16
CA ALA B 5 12.45 4.01 4.90
C ALA B 5 12.53 4.47 3.43
N ASP B 6 13.63 4.18 2.76
CA ASP B 6 13.77 4.57 1.35
C ASP B 6 12.67 3.96 0.50
N GLY B 7 12.48 2.66 0.63
CA GLY B 7 11.40 1.97 -0.08
C GLY B 7 10.04 2.45 0.37
N LEU B 8 9.87 2.71 1.68
CA LEU B 8 8.60 3.24 2.16
C LEU B 8 8.25 4.58 1.51
N ALA B 9 9.24 5.46 1.36
CA ALA B 9 8.97 6.76 0.78
C ALA B 9 8.63 6.65 -0.72
N TRP B 10 9.42 5.87 -1.44
CA TRP B 10 9.17 5.71 -2.87
C TRP B 10 7.81 5.05 -3.18
N SER B 11 7.38 4.03 -2.43
CA SER B 11 6.10 3.42 -2.79
C SER B 11 4.94 4.30 -2.32
N TYR B 12 5.12 5.04 -1.22
CA TYR B 12 4.12 6.04 -0.79
C TYR B 12 3.85 7.06 -1.91
N TYR B 13 4.90 7.45 -2.62
CA TYR B 13 4.78 8.34 -3.76
C TYR B 13 4.13 7.63 -4.97
N PHE B 14 4.77 6.57 -5.49
CA PHE B 14 4.27 5.91 -6.70
C PHE B 14 2.94 5.19 -6.51
N GLY B 15 2.68 4.70 -5.29
CA GLY B 15 1.44 3.99 -5.04
C GLY B 15 0.28 4.88 -4.57
N TYR B 16 0.52 6.19 -4.43
CA TYR B 16 -0.49 7.05 -3.80
C TYR B 16 -0.31 8.53 -4.12
N LEU B 17 0.67 9.18 -3.52
CA LEU B 17 0.78 10.64 -3.62
C LEU B 17 0.95 11.13 -5.07
N LYS B 18 1.70 10.39 -5.88
CA LYS B 18 1.99 10.83 -7.27
C LYS B 18 0.70 11.14 -8.01
N PHE B 19 -0.35 10.37 -7.76
CA PHE B 19 -1.55 10.69 -8.50
C PHE B 19 -2.67 11.38 -7.69
N VAL B 20 -2.64 11.35 -6.35
CA VAL B 20 -3.68 12.11 -5.65
C VAL B 20 -3.34 13.59 -5.48
N LEU B 21 -2.05 13.92 -5.30
CA LEU B 21 -1.71 15.32 -5.01
C LEU B 21 -2.00 16.28 -6.18
N PRO B 22 -1.65 15.91 -7.44
CA PRO B 22 -1.98 16.88 -8.48
C PRO B 22 -3.48 17.13 -8.65
N GLU B 23 -4.32 16.17 -8.26
CA GLU B 23 -5.76 16.26 -8.48
C GLU B 23 -6.56 16.72 -7.28
N LEU B 24 -5.89 16.84 -6.13
CA LEU B 24 -6.57 17.10 -4.87
C LEU B 24 -7.48 18.34 -4.92
N GLU B 25 -6.95 19.46 -5.38
CA GLU B 25 -7.75 20.69 -5.42
C GLU B 25 -9.01 20.53 -6.28
N LYS B 26 -8.82 19.92 -7.45
CA LYS B 26 -9.94 19.64 -8.34
C LYS B 26 -10.98 18.70 -7.71
N GLN B 27 -10.52 17.69 -6.98
CA GLN B 27 -11.44 16.75 -6.32
C GLN B 27 -12.24 17.49 -5.26
N ILE B 28 -11.54 18.31 -4.49
CA ILE B 28 -12.20 19.12 -3.46
C ILE B 28 -13.27 20.01 -4.07
N GLU B 29 -12.94 20.63 -5.19
CA GLU B 29 -13.83 21.59 -5.84
C GLU B 29 -15.09 20.93 -6.41
N LYS B 30 -15.18 19.60 -6.40
CA LYS B 30 -16.38 18.92 -6.87
C LYS B 30 -17.57 19.02 -5.90
N THR B 31 -17.27 19.42 -4.67
CA THR B 31 -18.30 19.55 -3.64
C THR B 31 -18.67 21.03 -3.41
N SER B 32 -19.94 21.36 -3.58
CA SER B 32 -20.36 22.77 -3.50
C SER B 32 -19.98 23.42 -2.18
N LYS B 33 -20.22 22.73 -1.08
CA LYS B 33 -19.84 23.23 0.24
C LYS B 33 -18.36 23.63 0.28
N PHE B 34 -17.52 22.85 -0.39
CA PHE B 34 -16.08 23.09 -0.35
C PHE B 34 -15.71 24.24 -1.29
N ARG B 35 -16.45 24.40 -2.38
CA ARG B 35 -16.29 25.56 -3.25
C ARG B 35 -16.71 26.83 -2.53
N SER B 36 -17.75 26.72 -1.70
CA SER B 36 -18.31 27.88 -1.04
C SER B 36 -17.46 28.36 0.14
N LYS B 37 -16.73 27.43 0.75
CA LYS B 37 -15.98 27.70 1.97
C LYS B 37 -14.75 28.55 1.70
N GLU B 38 -14.57 29.63 2.47
CA GLU B 38 -13.32 30.37 2.48
C GLU B 38 -12.44 29.84 3.63
N LYS B 39 -11.17 30.20 3.65
CA LYS B 39 -10.22 29.66 4.62
C LYS B 39 -10.13 28.13 4.53
N PHE B 40 -10.21 27.62 3.30
CA PHE B 40 -10.05 26.20 3.06
C PHE B 40 -8.76 26.05 2.30
N VAL B 41 -7.66 25.79 3.03
CA VAL B 41 -6.39 25.52 2.37
C VAL B 41 -6.50 24.14 1.69
N LYS B 42 -6.07 24.07 0.43
CA LYS B 42 -6.30 22.89 -0.40
C LYS B 42 -5.11 21.92 -0.45
N LYS B 43 -4.03 22.22 0.26
CA LYS B 43 -2.88 21.31 0.31
C LYS B 43 -3.20 20.09 1.17
N MET B 44 -2.58 18.94 0.86
CA MET B 44 -2.64 17.82 1.81
C MET B 44 -1.60 18.04 2.89
N PHE B 45 -2.04 18.18 4.14
CA PHE B 45 -1.12 18.18 5.26
C PHE B 45 -0.84 16.75 5.69
N ILE B 46 0.39 16.31 5.45
CA ILE B 46 0.82 14.95 5.75
C ILE B 46 1.47 14.90 7.14
N LEU B 47 0.83 14.19 8.06
CA LEU B 47 1.24 14.23 9.46
C LEU B 47 2.29 13.18 9.79
N ILE B 48 3.42 13.62 10.32
CA ILE B 48 4.53 12.72 10.65
C ILE B 48 4.90 12.86 12.12
N PRO B 49 4.14 12.19 13.00
CA PRO B 49 4.50 12.16 14.43
C PRO B 49 5.80 11.40 14.64
N SER B 50 6.69 11.94 15.46
CA SER B 50 8.02 11.37 15.64
C SER B 50 8.02 9.96 16.22
N ASN B 51 6.93 9.57 16.88
CA ASN B 51 6.84 8.22 17.46
C ASN B 51 6.16 7.20 16.54
N CYS B 52 5.87 7.61 15.30
CA CYS B 52 5.23 6.71 14.32
C CYS B 52 3.88 6.15 14.76
N PHE B 53 3.19 6.87 15.63
CA PHE B 53 1.97 6.32 16.20
C PHE B 53 0.88 7.38 16.34
N TRP B 54 -0.37 6.95 16.26
CA TRP B 54 -1.49 7.86 16.45
C TRP B 54 -2.80 7.17 16.80
N ASP B 55 -3.68 7.91 17.49
CA ASP B 55 -5.07 7.49 17.66
C ASP B 55 -5.74 7.50 16.29
N ASP B 56 -6.50 6.46 15.98
CA ASP B 56 -7.12 6.34 14.67
C ASP B 56 -7.95 7.57 14.28
N LYS B 57 -8.59 8.22 15.26
CA LYS B 57 -9.40 9.39 14.96
C LYS B 57 -8.74 10.69 15.50
N ILE B 58 -8.53 11.68 14.62
CA ILE B 58 -7.83 12.91 15.03
C ILE B 58 -8.65 13.82 15.97
N PRO B 59 -9.94 14.09 15.65
CA PRO B 59 -10.68 14.97 16.56
C PRO B 59 -10.78 14.45 18.00
N GLY B 60 -10.38 15.29 18.96
CA GLY B 60 -10.46 14.94 20.37
C GLY B 60 -9.37 14.00 20.86
N SER B 61 -8.45 13.63 19.97
CA SER B 61 -7.36 12.72 20.35
C SER B 61 -6.37 13.39 21.30
N ASP B 62 -5.37 12.61 21.73
CA ASP B 62 -4.29 13.13 22.56
C ASP B 62 -3.51 14.25 21.86
N TYR B 63 -3.59 14.32 20.54
CA TYR B 63 -2.92 15.38 19.79
C TYR B 63 -3.83 16.61 19.67
N ASP B 64 -5.07 16.47 20.14
CA ASP B 64 -6.04 17.57 20.12
C ASP B 64 -6.63 17.80 21.52
N PRO B 65 -5.79 18.23 22.48
CA PRO B 65 -6.24 18.31 23.88
C PRO B 65 -7.35 19.34 24.11
N GLN B 66 -7.42 20.37 23.28
CA GLN B 66 -8.44 21.41 23.45
C GLN B 66 -9.69 21.12 22.64
N ASN B 67 -9.72 19.99 21.94
CA ASN B 67 -10.85 19.61 21.10
C ASN B 67 -11.24 20.68 20.09
N ARG B 68 -10.25 21.17 19.35
CA ARG B 68 -10.48 22.21 18.37
C ARG B 68 -10.54 21.69 16.94
N ILE B 69 -10.34 20.38 16.79
CA ILE B 69 -10.37 19.74 15.47
C ILE B 69 -11.64 18.92 15.31
N THR B 70 -12.35 19.11 14.21
CA THR B 70 -13.61 18.42 13.97
C THR B 70 -13.64 17.82 12.58
N PHE B 71 -14.06 16.56 12.47
CA PHE B 71 -14.19 15.94 11.15
C PHE B 71 -15.35 16.59 10.41
N GLU B 72 -15.11 17.06 9.19
CA GLU B 72 -16.15 17.73 8.42
C GLU B 72 -16.78 16.81 7.36
N GLY B 73 -15.95 16.03 6.68
CA GLY B 73 -16.45 15.12 5.66
C GLY B 73 -15.33 14.65 4.77
N ASN B 74 -15.67 13.83 3.79
CA ASN B 74 -14.68 13.30 2.85
C ASN B 74 -14.78 13.98 1.50
N THR B 75 -13.67 13.97 0.78
CA THR B 75 -13.65 14.44 -0.59
C THR B 75 -14.28 13.39 -1.52
N GLU B 76 -14.69 13.82 -2.71
CA GLU B 76 -15.14 12.89 -3.74
C GLU B 76 -14.02 11.93 -4.14
N PRO B 77 -14.30 10.62 -4.13
CA PRO B 77 -13.29 9.60 -4.42
C PRO B 77 -12.73 9.70 -5.82
N LEU B 78 -11.44 9.45 -5.96
CA LEU B 78 -10.76 9.39 -7.24
C LEU B 78 -10.54 7.94 -7.67
N GLU B 79 -10.70 7.69 -8.97
CA GLU B 79 -10.51 6.35 -9.51
C GLU B 79 -9.12 6.22 -10.12
N LYS B 80 -8.43 5.14 -9.77
CA LYS B 80 -7.10 4.86 -10.34
C LYS B 80 -6.88 3.37 -10.48
N THR B 81 -6.44 2.97 -11.67
CA THR B 81 -6.18 1.57 -11.99
C THR B 81 -4.69 1.31 -12.16
N ARG B 82 -4.19 0.29 -11.47
CA ARG B 82 -2.80 -0.15 -11.61
C ARG B 82 -2.62 -1.63 -11.29
N GLY B 83 -2.24 -2.42 -12.30
CA GLY B 83 -1.90 -3.82 -12.09
C GLY B 83 -3.06 -4.79 -12.01
N GLY B 84 -4.26 -4.28 -11.76
CA GLY B 84 -5.45 -5.11 -11.76
C GLY B 84 -5.56 -6.14 -10.66
N VAL B 85 -4.56 -6.19 -9.77
CA VAL B 85 -4.57 -7.14 -8.66
C VAL B 85 -5.68 -6.80 -7.65
N PHE B 86 -5.77 -5.51 -7.32
CA PHE B 86 -6.82 -5.01 -6.44
C PHE B 86 -7.22 -3.59 -6.87
N LEU B 87 -8.50 -3.27 -6.74
CA LEU B 87 -9.04 -1.99 -7.20
C LEU B 87 -8.76 -0.85 -6.23
N ARG B 88 -8.58 0.36 -6.74
CA ARG B 88 -8.27 1.48 -5.88
C ARG B 88 -9.18 2.71 -6.01
N HIS B 89 -9.74 3.11 -4.88
CA HIS B 89 -10.48 4.35 -4.77
C HIS B 89 -9.80 5.19 -3.67
N TYR B 90 -9.53 6.45 -3.97
CA TYR B 90 -8.81 7.34 -3.06
C TYR B 90 -9.69 8.48 -2.58
N LYS B 91 -9.76 8.69 -1.27
CA LYS B 91 -10.49 9.87 -0.76
C LYS B 91 -9.78 10.38 0.48
N HIS B 92 -10.11 11.62 0.87
CA HIS B 92 -9.39 12.29 1.95
C HIS B 92 -10.37 12.90 2.93
N SER B 93 -9.90 13.09 4.15
CA SER B 93 -10.72 13.67 5.19
C SER B 93 -10.50 15.16 5.31
N VAL B 94 -11.60 15.89 5.34
CA VAL B 94 -11.58 17.33 5.59
C VAL B 94 -11.87 17.59 7.05
N TYR B 95 -11.07 18.46 7.68
CA TYR B 95 -11.30 18.83 9.08
C TYR B 95 -11.51 20.31 9.26
N GLU B 96 -12.28 20.66 10.28
CA GLU B 96 -12.43 22.04 10.69
C GLU B 96 -11.52 22.34 11.86
N ILE B 97 -10.76 23.43 11.76
CA ILE B 97 -9.93 23.82 12.88
C ILE B 97 -10.32 25.19 13.40
N LYS B 98 -10.79 25.20 14.64
CA LYS B 98 -11.24 26.41 15.29
C LYS B 98 -10.15 27.45 15.39
N ASP B 99 -10.52 28.70 15.14
CA ASP B 99 -9.62 29.84 15.20
C ASP B 99 -10.26 30.90 16.10
N GLY B 100 -10.44 30.56 17.37
CA GLY B 100 -11.06 31.45 18.33
C GLY B 100 -12.49 31.79 17.95
N GLU B 101 -12.79 33.08 17.92
CA GLU B 101 -14.10 33.56 17.53
C GLU B 101 -14.18 33.83 16.03
N ASN B 102 -13.03 33.72 15.35
CA ASN B 102 -13.00 33.91 13.90
C ASN B 102 -13.60 32.75 13.15
N GLU B 103 -13.71 32.92 11.84
CA GLU B 103 -14.12 31.86 10.96
C GLU B 103 -13.11 30.73 11.06
N PRO B 104 -13.60 29.51 11.35
CA PRO B 104 -12.72 28.34 11.44
C PRO B 104 -12.17 27.94 10.09
N TRP B 105 -11.01 27.26 10.08
CA TRP B 105 -10.43 26.81 8.83
C TRP B 105 -10.98 25.45 8.45
N PHE B 106 -10.98 25.15 7.16
CA PHE B 106 -11.08 23.77 6.71
C PHE B 106 -9.71 23.37 6.19
N CYS B 107 -9.36 22.09 6.32
CA CYS B 107 -8.11 21.63 5.76
C CYS B 107 -8.19 20.14 5.53
N ILE B 108 -7.21 19.63 4.77
CA ILE B 108 -6.98 18.20 4.57
C ILE B 108 -5.80 17.72 5.41
N MET B 109 -6.03 16.75 6.29
CA MET B 109 -4.98 16.16 7.12
C MET B 109 -5.02 14.65 6.99
N GLU B 110 -3.84 14.04 7.00
CA GLU B 110 -3.66 12.60 6.90
C GLU B 110 -2.39 12.20 7.55
N TYR B 111 -2.40 11.20 8.42
CA TYR B 111 -1.14 10.62 8.87
C TYR B 111 -0.44 9.94 7.72
N ALA B 112 0.89 10.04 7.70
CA ALA B 112 1.71 9.33 6.73
C ALA B 112 1.64 7.85 7.03
N THR B 113 0.81 7.15 6.27
CA THR B 113 0.53 5.73 6.54
C THR B 113 1.76 4.76 6.51
N PRO B 114 2.81 5.05 5.73
CA PRO B 114 3.97 4.16 5.84
C PRO B 114 4.59 4.11 7.24
N LEU B 115 4.32 5.08 8.08
CA LEU B 115 4.83 5.06 9.45
C LEU B 115 4.29 3.87 10.21
N LEU B 116 3.11 3.39 9.81
CA LEU B 116 2.52 2.20 10.41
C LEU B 116 3.46 1.01 10.29
N THR B 117 4.18 0.93 9.17
CA THR B 117 5.12 -0.18 8.99
C THR B 117 6.33 -0.03 9.91
N LEU B 118 6.83 1.19 10.06
CA LEU B 118 7.94 1.41 11.00
C LEU B 118 7.49 1.00 12.41
N TYR B 119 6.31 1.45 12.81
CA TYR B 119 5.80 1.12 14.14
C TYR B 119 5.63 -0.37 14.33
N ASP B 120 4.92 -1.01 13.40
CA ASP B 120 4.63 -2.45 13.50
C ASP B 120 5.92 -3.25 13.56
N MET B 121 6.90 -2.83 12.77
CA MET B 121 8.20 -3.50 12.76
C MET B 121 8.91 -3.39 14.11
N SER B 122 8.87 -2.20 14.72
CA SER B 122 9.58 -1.98 15.98
C SER B 122 8.96 -2.80 17.13
N VAL B 123 7.68 -3.10 16.99
CA VAL B 123 6.97 -3.83 18.01
C VAL B 123 7.01 -5.34 17.81
N ALA B 124 6.88 -5.79 16.56
CA ALA B 124 6.86 -7.24 16.26
C ALA B 124 8.24 -7.82 16.03
N GLN B 125 9.16 -7.00 15.53
CA GLN B 125 10.52 -7.47 15.23
C GLN B 125 11.56 -6.51 15.78
N PRO B 126 11.64 -6.40 17.12
CA PRO B 126 12.58 -5.45 17.73
C PRO B 126 14.03 -5.72 17.35
N GLY B 127 14.37 -6.98 17.05
CA GLY B 127 15.72 -7.33 16.63
C GLY B 127 16.06 -6.74 15.27
N GLU B 128 15.05 -6.44 14.47
CA GLU B 128 15.26 -5.83 13.16
C GLU B 128 15.23 -4.31 13.24
N LEU B 129 14.40 -3.79 14.14
CA LEU B 129 14.23 -2.34 14.22
C LEU B 129 14.05 -1.91 15.67
N SER B 130 15.12 -1.45 16.30
CA SER B 130 15.04 -1.00 17.69
C SER B 130 14.26 0.31 17.74
N ARG B 131 13.85 0.71 18.94
CA ARG B 131 13.16 1.99 19.12
C ARG B 131 14.01 3.13 18.55
N GLU B 132 15.32 3.07 18.84
CA GLU B 132 16.22 4.13 18.41
C GLU B 132 16.45 4.10 16.89
N GLU B 133 16.51 2.91 16.31
CA GLU B 133 16.61 2.78 14.87
C GLU B 133 15.34 3.28 14.19
N ARG B 134 14.19 3.07 14.82
CA ARG B 134 12.92 3.57 14.29
C ARG B 134 12.91 5.08 14.26
N ASP B 135 13.35 5.72 15.36
CA ASP B 135 13.45 7.17 15.43
C ASP B 135 14.25 7.70 14.24
N ALA B 136 15.37 7.05 13.95
CA ALA B 136 16.24 7.48 12.86
C ALA B 136 15.56 7.27 11.50
N GLN B 137 14.82 6.17 11.36
CA GLN B 137 14.18 5.87 10.07
C GLN B 137 13.07 6.87 9.74
N VAL B 138 12.42 7.42 10.76
CA VAL B 138 11.45 8.51 10.53
C VAL B 138 12.10 9.69 9.84
N VAL B 139 13.31 10.03 10.27
CA VAL B 139 14.05 11.15 9.69
C VAL B 139 14.50 10.81 8.26
N VAL B 140 14.98 9.58 8.06
CA VAL B 140 15.33 9.14 6.71
C VAL B 140 14.10 9.20 5.78
N PHE B 141 12.96 8.72 6.29
CA PHE B 141 11.69 8.75 5.55
C PHE B 141 11.31 10.17 5.15
N LEU B 142 11.36 11.07 6.13
CA LEU B 142 11.05 12.47 5.90
C LEU B 142 11.93 13.08 4.82
N ARG B 143 13.25 12.92 4.95
CA ARG B 143 14.14 13.57 4.00
C ARG B 143 14.02 12.95 2.61
N LYS B 144 13.81 11.63 2.53
CA LYS B 144 13.64 11.01 1.21
C LYS B 144 12.33 11.44 0.57
N LEU B 145 11.26 11.48 1.36
CA LEU B 145 9.96 11.91 0.82
C LEU B 145 10.04 13.35 0.32
N GLN B 146 10.75 14.20 1.07
CA GLN B 146 10.97 15.57 0.66
C GLN B 146 11.65 15.62 -0.70
N ASP B 147 12.73 14.85 -0.85
CA ASP B 147 13.47 14.82 -2.12
C ASP B 147 12.56 14.39 -3.26
N ILE B 148 11.77 13.34 -3.04
CA ILE B 148 10.88 12.80 -4.08
C ILE B 148 9.82 13.82 -4.53
N LEU B 149 9.09 14.38 -3.57
CA LEU B 149 8.02 15.33 -3.89
C LEU B 149 8.56 16.63 -4.50
N GLU B 150 9.70 17.09 -4.02
CA GLU B 150 10.29 18.31 -4.54
C GLU B 150 10.81 18.09 -5.96
N GLY B 151 11.00 16.83 -6.36
CA GLY B 151 11.48 16.57 -7.70
C GLY B 151 10.34 16.45 -8.70
N ASP B 152 9.11 16.49 -8.20
CA ASP B 152 7.93 16.37 -9.07
C ASP B 152 7.19 17.71 -9.13
N ARG B 153 7.31 18.39 -10.26
CA ARG B 153 6.71 19.71 -10.42
C ARG B 153 5.19 19.68 -10.30
N ALA B 154 4.57 18.56 -10.65
CA ALA B 154 3.11 18.42 -10.51
C ALA B 154 2.68 18.40 -9.04
N CYS B 155 3.60 18.12 -8.13
CA CYS B 155 3.25 18.09 -6.70
C CYS B 155 3.56 19.41 -5.98
N GLN B 156 4.22 20.32 -6.67
CA GLN B 156 4.60 21.60 -6.06
C GLN B 156 3.41 22.40 -5.53
N GLY B 157 3.49 22.81 -4.28
CA GLY B 157 2.41 23.58 -3.67
C GLY B 157 1.17 22.77 -3.33
N LYS B 158 1.22 21.44 -3.45
CA LYS B 158 0.03 20.62 -3.22
C LYS B 158 0.04 19.91 -1.88
N TYR B 159 1.13 20.05 -1.13
CA TYR B 159 1.24 19.29 0.12
C TYR B 159 2.05 20.11 1.12
N GLU B 160 2.00 19.70 2.38
CA GLU B 160 2.94 20.19 3.39
C GLU B 160 3.21 19.06 4.38
N LEU B 161 4.50 18.79 4.65
CA LEU B 161 4.86 17.76 5.63
C LEU B 161 4.87 18.36 7.03
N VAL B 162 4.21 17.71 7.97
CA VAL B 162 4.09 18.25 9.32
C VAL B 162 4.71 17.29 10.31
N THR B 163 5.89 17.63 10.82
CA THR B 163 6.56 16.77 11.80
C THR B 163 6.32 17.32 13.20
N PHE B 164 6.05 16.45 14.17
CA PHE B 164 5.79 16.93 15.52
C PHE B 164 6.01 15.83 16.54
N SER B 165 6.34 16.24 17.76
CA SER B 165 6.45 15.35 18.92
C SER B 165 5.06 15.04 19.43
N PRO B 166 4.87 13.85 20.01
CA PRO B 166 3.55 13.46 20.52
C PRO B 166 3.07 14.32 21.67
N ASP B 167 3.94 15.17 22.21
CA ASP B 167 3.56 16.06 23.29
C ASP B 167 2.93 17.37 22.77
N ARG B 168 3.07 17.66 21.48
CA ARG B 168 2.58 18.91 20.93
C ARG B 168 1.07 18.92 20.65
N ASP B 169 0.51 20.12 20.59
CA ASP B 169 -0.91 20.33 20.29
C ASP B 169 -1.08 20.53 18.79
N LEU B 170 -1.64 19.53 18.13
CA LEU B 170 -1.77 19.52 16.67
C LEU B 170 -2.64 20.68 16.18
N ALA B 171 -3.61 21.10 16.98
CA ALA B 171 -4.45 22.23 16.62
C ALA B 171 -3.64 23.51 16.54
N ASP B 172 -2.72 23.69 17.49
CA ASP B 172 -1.84 24.85 17.50
C ASP B 172 -0.89 24.81 16.30
N VAL B 173 -0.34 23.62 16.05
CA VAL B 173 0.57 23.43 14.91
C VAL B 173 -0.13 23.73 13.58
N MET B 174 -1.32 23.17 13.41
CA MET B 174 -2.02 23.32 12.15
C MET B 174 -2.46 24.76 11.95
N LEU B 175 -2.92 25.40 13.02
CA LEU B 175 -3.30 26.82 12.93
C LEU B 175 -2.19 27.72 12.41
N ARG B 176 -0.98 27.58 12.92
CA ARG B 176 0.14 28.35 12.39
C ARG B 176 0.43 28.02 10.94
N LYS B 177 0.36 26.75 10.58
CA LYS B 177 0.67 26.39 9.20
C LYS B 177 -0.42 26.88 8.25
N LEU B 178 -1.67 26.88 8.70
CA LEU B 178 -2.76 27.34 7.84
C LEU B 178 -2.63 28.84 7.59
N LYS B 179 -2.34 29.58 8.64
CA LYS B 179 -2.15 31.02 8.51
C LYS B 179 -0.96 31.36 7.63
N ASP B 180 0.05 30.50 7.63
CA ASP B 180 1.28 30.73 6.84
C ASP B 180 1.16 30.21 5.39
N SER B 181 0.07 29.54 5.08
CA SER B 181 -0.16 29.05 3.72
C SER B 181 -0.40 30.20 2.75
N GLU B 182 -0.14 29.96 1.46
CA GLU B 182 -0.23 31.01 0.45
C GLU B 182 -1.67 31.48 0.21
N LEU B 183 -2.64 30.59 0.44
CA LEU B 183 -4.03 30.89 0.18
C LEU B 183 -4.51 32.20 0.81
N GLU B 184 -5.08 33.07 -0.02
CA GLU B 184 -5.69 34.30 0.47
C GLU B 184 -7.21 34.24 0.26
N ILE B 185 -7.93 35.11 0.93
CA ILE B 185 -9.39 35.17 0.78
C ILE B 185 -9.76 35.38 -0.69
N GLY B 186 -10.58 34.47 -1.22
CA GLY B 186 -10.98 34.51 -2.62
C GLY B 186 -10.04 33.73 -3.53
N GLY B 187 -9.00 33.14 -2.95
CA GLY B 187 -8.04 32.36 -3.69
C GLY B 187 -8.45 30.90 -3.92
#